data_7MIE
#
_entry.id   7MIE
#
_cell.length_a   63.699
_cell.length_b   36.861
_cell.length_c   64.905
_cell.angle_alpha   90.000
_cell.angle_beta   113.900
_cell.angle_gamma   90.000
#
_symmetry.space_group_name_H-M   'P 1 21 1'
#
loop_
_entity.id
_entity.type
_entity.pdbx_description
1 polymer PlzA
2 non-polymer "9,9'-[(2R,3R,3aS,5S,7aR,9R,10R,10aS,12S,14aR)-3,5,10,12-tetrahydroxy-5,12-dioxidooctahydro-2H,7H-difuro[3,2-d:3',2'-j][1,3,7,9,2,8]tetraoxadiphosphacyclododecine-2,9-diyl]bis(2-amino-1,9-dihydro-6H-purin-6-one)"
3 non-polymer 'CHLORIDE ION'
4 non-polymer DI(HYDROXYETHYL)ETHER
5 non-polymer 1,2-ETHANEDIOL
6 water water
#
_entity_poly.entity_id   1
_entity_poly.type   'polypeptide(L)'
_entity_poly.pdbx_seq_one_letter_code
;MAHHHHHHVGTGSNDDDDKSPDPMLLSRKIRDYGAKYRGKEIKMSTEINSFLNLRNTIEMRIGSYTAFGVIYSISMDSLK
LIFQEDTVLPALAKNKNLGSIQLKKNSDSKSSAAFFPFLSVKLLSASAYSSLNKEYNLLTLEFLSPAPEEIAIKVGKLLD
LKLGQNQRIHERIIIDKDSIRKLKIDSDKAFIKFNGAKHKCLIKDLSYGGALVISSFDYGDVEEDAIDLIFSFEFIDGEI
FIEGKSKSLSVIQTPSGKVFALGIAFDEDKIPLEYTMLIHDYFN
;
_entity_poly.pdbx_strand_id   A
#
loop_
_chem_comp.id
_chem_comp.type
_chem_comp.name
_chem_comp.formula
C2E non-polymer 9,9'-[(2R,3R,3aS,5S,7aR,9R,10R,10aS,12S,14aR)-3,5,10,12-tetrahydroxy-5,12-dioxidooctahydro-2H,7H-difuro[3,2-d:3',2'-j][1,3,7,9,2,8]tetraoxadiphosphacyclododecine-2,9-diyl]bis(2-amino-1,9-dihydro-6H-purin-6-one) 'C20 H24 N10 O14 P2'
CL non-polymer 'CHLORIDE ION' 'Cl -1'
EDO non-polymer 1,2-ETHANEDIOL 'C2 H6 O2'
PEG non-polymer DI(HYDROXYETHYL)ETHER 'C4 H10 O3'
#
# COMPACT_ATOMS: atom_id res chain seq x y z
N LEU A 25 19.48 21.61 -6.69
CA LEU A 25 18.53 22.37 -5.82
C LEU A 25 17.30 21.50 -5.54
N LEU A 26 16.55 21.19 -6.61
CA LEU A 26 15.52 20.16 -6.52
C LEU A 26 16.20 18.81 -6.28
N SER A 27 17.27 18.57 -7.05
CA SER A 27 18.12 17.39 -6.89
C SER A 27 18.64 17.29 -5.45
N ARG A 28 19.00 18.45 -4.90
CA ARG A 28 19.58 18.48 -3.57
C ARG A 28 18.52 18.13 -2.54
N LYS A 29 17.33 18.73 -2.68
CA LYS A 29 16.22 18.42 -1.80
C LYS A 29 15.88 16.94 -1.88
N ILE A 30 15.91 16.36 -3.09
CA ILE A 30 15.59 14.94 -3.23
C ILE A 30 16.65 14.06 -2.56
N ARG A 31 17.93 14.45 -2.62
CA ARG A 31 19.01 13.74 -1.93
C ARG A 31 18.81 13.82 -0.42
N ASP A 32 18.43 15.00 0.10
CA ASP A 32 18.16 15.15 1.54
C ASP A 32 17.01 14.23 1.98
N TYR A 33 15.92 14.19 1.19
CA TYR A 33 14.81 13.33 1.54
C TYR A 33 15.18 11.85 1.48
N GLY A 34 16.00 11.45 0.51
CA GLY A 34 16.56 10.10 0.37
C GLY A 34 17.28 9.64 1.64
N ALA A 35 18.07 10.56 2.21
CA ALA A 35 18.83 10.22 3.41
C ALA A 35 17.90 10.17 4.61
N LYS A 36 17.03 11.17 4.73
CA LYS A 36 16.16 11.32 5.88
C LYS A 36 15.20 10.14 5.98
N TYR A 37 14.73 9.64 4.82
CA TYR A 37 13.61 8.69 4.82
C TYR A 37 14.03 7.31 4.34
N ARG A 38 15.30 6.99 4.52
CA ARG A 38 15.78 5.68 4.12
C ARG A 38 14.96 4.65 4.89
N GLY A 39 14.42 3.68 4.12
CA GLY A 39 13.69 2.58 4.70
C GLY A 39 12.19 2.85 4.89
N LYS A 40 11.74 4.07 4.55
CA LYS A 40 10.36 4.44 4.75
C LYS A 40 9.59 4.40 3.44
N GLU A 41 8.25 4.28 3.50
CA GLU A 41 7.50 4.13 2.26
C GLU A 41 6.13 4.79 2.39
N ILE A 42 5.47 4.99 1.23
CA ILE A 42 4.08 5.42 1.19
C ILE A 42 3.30 4.34 0.43
N LYS A 43 2.33 3.73 1.12
CA LYS A 43 1.44 2.75 0.50
C LYS A 43 0.51 3.42 -0.50
N MET A 44 0.20 2.72 -1.62
CA MET A 44 -0.58 3.34 -2.68
C MET A 44 -2.09 3.28 -2.40
N SER A 45 -2.80 4.34 -2.79
CA SER A 45 -4.25 4.42 -2.79
C SER A 45 -4.66 5.35 -3.94
N THR A 46 -5.95 5.37 -4.27
CA THR A 46 -6.48 6.17 -5.35
C THR A 46 -6.00 7.63 -5.27
N GLU A 47 -6.14 8.24 -4.09
CA GLU A 47 -5.76 9.64 -3.91
C GLU A 47 -4.25 9.84 -4.06
N ILE A 48 -3.43 8.88 -3.63
CA ILE A 48 -1.98 9.00 -3.81
C ILE A 48 -1.64 8.95 -5.29
N ASN A 49 -2.22 7.98 -6.01
CA ASN A 49 -1.95 7.87 -7.44
C ASN A 49 -2.35 9.14 -8.17
N SER A 50 -3.49 9.73 -7.78
CA SER A 50 -3.98 10.97 -8.37
CA SER A 50 -3.98 10.96 -8.39
C SER A 50 -2.99 12.11 -8.13
N PHE A 51 -2.57 12.27 -6.86
CA PHE A 51 -1.61 13.32 -6.53
C PHE A 51 -0.30 13.18 -7.31
N LEU A 52 0.24 11.93 -7.33
CA LEU A 52 1.53 11.71 -7.98
C LEU A 52 1.38 11.66 -9.50
N ASN A 53 0.15 11.56 -10.03
CA ASN A 53 -0.09 11.33 -11.46
C ASN A 53 0.70 10.09 -11.91
N LEU A 54 0.46 9.00 -11.21
CA LEU A 54 1.18 7.76 -11.50
C LEU A 54 0.16 6.63 -11.51
N ARG A 55 0.06 5.90 -12.66
CA ARG A 55 -0.80 4.73 -12.77
C ARG A 55 -0.25 3.65 -11.84
N ASN A 56 -1.13 2.83 -11.29
CA ASN A 56 -0.68 1.86 -10.31
C ASN A 56 -0.20 0.59 -10.99
N THR A 57 -0.48 0.46 -12.29
CA THR A 57 -0.04 -0.69 -13.07
C THR A 57 1.30 -0.34 -13.67
N ILE A 58 2.22 -1.32 -13.74
CA ILE A 58 3.54 -1.00 -14.21
C ILE A 58 4.09 -2.20 -14.99
N GLU A 59 4.84 -1.92 -16.05
CA GLU A 59 5.48 -2.97 -16.84
C GLU A 59 6.93 -3.16 -16.41
N MET A 60 7.34 -4.42 -16.19
CA MET A 60 8.74 -4.73 -15.96
C MET A 60 9.29 -5.47 -17.18
N ARG A 61 10.49 -5.08 -17.65
CA ARG A 61 11.16 -5.76 -18.74
C ARG A 61 12.48 -6.34 -18.24
N ILE A 62 12.70 -7.61 -18.63
CA ILE A 62 13.93 -8.31 -18.27
C ILE A 62 14.43 -8.95 -19.55
N GLY A 63 15.31 -8.23 -20.25
CA GLY A 63 15.60 -8.57 -21.65
C GLY A 63 14.34 -8.37 -22.49
N SER A 64 13.92 -9.43 -23.18
CA SER A 64 12.71 -9.30 -23.99
C SER A 64 11.51 -9.85 -23.21
N TYR A 65 11.75 -10.41 -22.02
CA TYR A 65 10.67 -10.85 -21.17
C TYR A 65 9.93 -9.65 -20.60
N THR A 66 8.59 -9.72 -20.57
CA THR A 66 7.83 -8.59 -20.04
C THR A 66 6.69 -9.07 -19.14
N ALA A 67 6.36 -8.26 -18.10
CA ALA A 67 5.24 -8.61 -17.23
C ALA A 67 4.69 -7.34 -16.59
N PHE A 68 3.38 -7.37 -16.33
CA PHE A 68 2.76 -6.24 -15.63
C PHE A 68 2.55 -6.61 -14.19
N GLY A 69 2.82 -5.64 -13.29
CA GLY A 69 2.53 -5.82 -11.88
C GLY A 69 1.83 -4.57 -11.34
N VAL A 70 1.73 -4.48 -10.02
CA VAL A 70 0.97 -3.38 -9.43
C VAL A 70 1.89 -2.79 -8.34
N ILE A 71 1.83 -1.47 -8.17
CA ILE A 71 2.67 -0.86 -7.16
C ILE A 71 1.98 -1.05 -5.81
N TYR A 72 2.76 -1.54 -4.84
CA TYR A 72 2.30 -1.65 -3.46
C TYR A 72 2.65 -0.37 -2.67
N SER A 73 3.91 0.07 -2.78
CA SER A 73 4.32 1.29 -2.09
C SER A 73 5.46 1.93 -2.85
N ILE A 74 5.73 3.20 -2.51
CA ILE A 74 6.79 3.95 -3.17
C ILE A 74 7.66 4.62 -2.11
N SER A 75 8.95 4.76 -2.43
CA SER A 75 9.91 5.33 -1.50
C SER A 75 10.77 6.32 -2.28
N MET A 76 11.78 6.93 -1.62
CA MET A 76 12.51 7.98 -2.32
C MET A 76 13.36 7.46 -3.48
N ASP A 77 13.91 6.25 -3.31
CA ASP A 77 14.73 5.76 -4.41
C ASP A 77 14.47 4.31 -4.71
N SER A 78 13.27 3.84 -4.35
CA SER A 78 12.91 2.46 -4.59
C SER A 78 11.39 2.40 -4.55
N LEU A 79 10.85 1.26 -5.00
CA LEU A 79 9.44 1.03 -4.84
C LEU A 79 9.21 -0.47 -4.65
N LYS A 80 7.99 -0.83 -4.24
CA LYS A 80 7.66 -2.22 -4.03
C LYS A 80 6.55 -2.60 -5.00
N LEU A 81 6.75 -3.73 -5.68
CA LEU A 81 5.82 -4.17 -6.72
C LEU A 81 5.31 -5.57 -6.41
N ILE A 82 4.02 -5.79 -6.78
CA ILE A 82 3.39 -7.10 -6.64
C ILE A 82 3.31 -7.77 -8.01
N PHE A 83 3.79 -9.03 -8.02
CA PHE A 83 3.63 -9.90 -9.19
C PHE A 83 3.10 -11.26 -8.75
N GLN A 84 2.52 -11.98 -9.71
CA GLN A 84 2.22 -13.40 -9.44
C GLN A 84 3.52 -14.15 -9.18
N GLU A 85 3.45 -15.20 -8.36
CA GLU A 85 4.62 -16.03 -8.10
C GLU A 85 5.07 -16.71 -9.40
N ASP A 86 6.38 -17.04 -9.49
CA ASP A 86 6.94 -17.83 -10.59
C ASP A 86 6.86 -17.07 -11.91
N THR A 87 6.94 -15.73 -11.88
CA THR A 87 7.00 -14.89 -13.08
C THR A 87 8.31 -14.07 -13.05
N VAL A 88 8.26 -12.88 -12.44
CA VAL A 88 9.33 -11.92 -12.49
C VAL A 88 10.50 -12.38 -11.63
N LEU A 89 10.21 -13.03 -10.49
CA LEU A 89 11.25 -13.25 -9.50
C LEU A 89 12.31 -14.19 -10.08
N PRO A 90 11.94 -15.37 -10.63
CA PRO A 90 12.93 -16.23 -11.29
C PRO A 90 13.56 -15.60 -12.55
N ALA A 91 12.77 -14.84 -13.32
CA ALA A 91 13.32 -14.17 -14.49
C ALA A 91 14.44 -13.21 -14.07
N LEU A 92 14.23 -12.49 -12.97
CA LEU A 92 15.25 -11.54 -12.52
C LEU A 92 16.51 -12.29 -12.12
N ALA A 93 16.35 -13.46 -11.48
CA ALA A 93 17.50 -14.22 -11.01
C ALA A 93 18.38 -14.61 -12.19
N LYS A 94 17.75 -14.87 -13.35
CA LYS A 94 18.50 -15.28 -14.52
C LYS A 94 19.26 -14.10 -15.11
N ASN A 95 18.87 -12.87 -14.74
CA ASN A 95 19.48 -11.68 -15.29
C ASN A 95 20.25 -10.92 -14.20
N LYS A 96 20.79 -11.63 -13.19
CA LYS A 96 21.64 -11.07 -12.15
C LYS A 96 20.84 -10.02 -11.37
N ASN A 97 19.54 -10.26 -11.25
CA ASN A 97 18.64 -9.43 -10.43
C ASN A 97 18.56 -7.98 -10.90
N LEU A 98 18.68 -7.76 -12.21
CA LEU A 98 18.49 -6.46 -12.82
C LEU A 98 17.33 -6.54 -13.80
N GLY A 99 16.62 -5.42 -13.95
CA GLY A 99 15.58 -5.28 -14.94
C GLY A 99 15.29 -3.79 -15.18
N SER A 100 14.17 -3.50 -15.84
CA SER A 100 13.82 -2.12 -16.09
CA SER A 100 13.82 -2.12 -16.06
C SER A 100 12.30 -1.98 -15.97
N ILE A 101 11.83 -0.83 -15.50
CA ILE A 101 10.42 -0.63 -15.34
C ILE A 101 9.99 0.66 -16.02
N GLN A 102 8.73 0.65 -16.47
CA GLN A 102 8.17 1.83 -17.09
C GLN A 102 7.00 2.41 -16.29
N LEU A 103 7.27 3.54 -15.63
CA LEU A 103 6.20 4.26 -14.95
C LEU A 103 5.34 4.96 -16.00
N LYS A 104 4.03 4.99 -15.75
CA LYS A 104 3.14 5.72 -16.65
C LYS A 104 2.30 6.70 -15.85
N LYS A 105 1.95 7.81 -16.51
CA LYS A 105 1.06 8.78 -15.86
C LYS A 105 -0.35 8.24 -15.67
N ASN A 106 -1.15 8.92 -14.83
CA ASN A 106 -2.35 8.32 -14.29
C ASN A 106 -3.53 8.52 -15.25
N SER A 107 -3.50 7.81 -16.38
CA SER A 107 -4.54 7.90 -17.39
C SER A 107 -4.58 6.61 -18.20
N ASP A 108 -5.53 6.52 -19.14
CA ASP A 108 -5.66 5.36 -20.01
C ASP A 108 -5.02 5.64 -21.38
N SER A 109 -4.36 6.78 -21.51
CA SER A 109 -3.72 7.17 -22.75
C SER A 109 -2.72 6.12 -23.19
N LYS A 110 -2.59 5.99 -24.51
CA LYS A 110 -1.64 5.08 -25.13
C LYS A 110 -0.57 5.89 -25.86
N SER A 111 -0.65 7.22 -25.71
CA SER A 111 0.32 8.10 -26.32
C SER A 111 1.66 7.98 -25.59
N SER A 112 2.74 8.27 -26.32
CA SER A 112 4.11 8.29 -25.84
C SER A 112 4.23 9.24 -24.64
N ALA A 113 3.41 10.29 -24.65
CA ALA A 113 3.47 11.37 -23.68
C ALA A 113 3.02 10.92 -22.29
N ALA A 114 2.36 9.76 -22.19
CA ALA A 114 1.84 9.29 -20.91
C ALA A 114 2.90 8.48 -20.18
N PHE A 115 4.05 8.20 -20.84
CA PHE A 115 5.02 7.26 -20.33
C PHE A 115 6.34 7.96 -19.97
N PHE A 116 6.96 7.55 -18.85
CA PHE A 116 8.35 7.93 -18.63
C PHE A 116 9.24 6.93 -19.36
N PRO A 117 10.49 7.28 -19.74
CA PRO A 117 11.45 6.28 -20.24
C PRO A 117 11.59 5.11 -19.27
N PHE A 118 11.87 3.92 -19.82
CA PHE A 118 12.20 2.75 -18.98
C PHE A 118 13.34 3.13 -18.06
N LEU A 119 13.27 2.72 -16.78
CA LEU A 119 14.33 3.01 -15.82
C LEU A 119 14.92 1.69 -15.31
N SER A 120 16.26 1.63 -15.24
CA SER A 120 16.98 0.48 -14.70
C SER A 120 16.74 0.33 -13.20
N VAL A 121 16.47 -0.91 -12.76
CA VAL A 121 16.29 -1.23 -11.35
C VAL A 121 17.08 -2.48 -10.96
N LYS A 122 17.32 -2.63 -9.65
CA LYS A 122 17.92 -3.85 -9.14
C LYS A 122 17.07 -4.36 -7.98
N LEU A 123 16.96 -5.68 -7.87
CA LEU A 123 16.15 -6.27 -6.82
C LEU A 123 16.91 -6.20 -5.51
N LEU A 124 16.28 -5.65 -4.46
CA LEU A 124 16.92 -5.59 -3.15
C LEU A 124 16.45 -6.73 -2.24
N SER A 125 15.15 -7.07 -2.33
CA SER A 125 14.53 -8.02 -1.44
C SER A 125 13.25 -8.50 -2.08
N ALA A 126 12.72 -9.65 -1.62
CA ALA A 126 11.45 -10.19 -2.08
C ALA A 126 10.83 -11.02 -0.96
N SER A 127 9.49 -10.99 -0.93
CA SER A 127 8.76 -11.89 -0.04
CA SER A 127 8.70 -11.82 -0.02
C SER A 127 7.72 -12.65 -0.82
N ALA A 128 7.19 -13.69 -0.16
CA ALA A 128 6.12 -14.50 -0.76
C ALA A 128 4.89 -14.51 0.15
N TYR A 129 3.70 -14.39 -0.44
CA TYR A 129 2.46 -14.46 0.34
C TYR A 129 1.32 -15.01 -0.53
N SER A 130 0.17 -15.31 0.11
CA SER A 130 -1.02 -15.85 -0.55
C SER A 130 -2.22 -14.90 -0.53
N SER A 131 -3.06 -15.03 -1.57
CA SER A 131 -4.34 -14.33 -1.65
C SER A 131 -5.30 -15.15 -2.49
N LEU A 132 -6.38 -15.63 -1.84
CA LEU A 132 -7.47 -16.28 -2.53
C LEU A 132 -6.96 -17.50 -3.31
N ASN A 133 -6.06 -18.28 -2.69
CA ASN A 133 -5.49 -19.50 -3.27
C ASN A 133 -4.56 -19.18 -4.43
N LYS A 134 -4.15 -17.92 -4.57
CA LYS A 134 -3.15 -17.55 -5.55
C LYS A 134 -1.94 -17.00 -4.81
N GLU A 135 -0.75 -17.29 -5.35
CA GLU A 135 0.48 -16.91 -4.68
C GLU A 135 1.10 -15.73 -5.40
N TYR A 136 1.74 -14.87 -4.59
CA TYR A 136 2.29 -13.62 -5.09
C TYR A 136 3.66 -13.40 -4.49
N ASN A 137 4.44 -12.53 -5.17
CA ASN A 137 5.67 -12.01 -4.60
C ASN A 137 5.56 -10.49 -4.50
N LEU A 138 6.17 -9.97 -3.43
CA LEU A 138 6.32 -8.52 -3.24
C LEU A 138 7.80 -8.22 -3.40
N LEU A 139 8.19 -7.41 -4.39
N LEU A 139 8.15 -7.42 -4.39
CA LEU A 139 9.58 -7.17 -4.77
CA LEU A 139 9.54 -7.15 -4.70
C LEU A 139 9.99 -5.73 -4.47
C LEU A 139 9.88 -5.73 -4.25
N THR A 140 11.07 -5.56 -3.69
CA THR A 140 11.61 -4.24 -3.45
C THR A 140 12.67 -3.98 -4.52
N LEU A 141 12.46 -2.94 -5.32
CA LEU A 141 13.31 -2.62 -6.46
C LEU A 141 13.90 -1.22 -6.28
N GLU A 142 15.22 -1.12 -6.42
CA GLU A 142 15.90 0.15 -6.31
C GLU A 142 16.17 0.73 -7.71
N PHE A 143 15.90 2.04 -7.87
CA PHE A 143 16.21 2.79 -9.07
C PHE A 143 17.72 2.93 -9.22
N LEU A 144 18.27 2.51 -10.35
CA LEU A 144 19.71 2.65 -10.59
C LEU A 144 20.06 3.99 -11.25
N SER A 145 19.08 4.70 -11.78
CA SER A 145 19.28 6.09 -12.14
C SER A 145 18.14 6.88 -11.52
N PRO A 146 18.24 8.22 -11.44
CA PRO A 146 17.15 9.05 -10.89
C PRO A 146 15.72 8.70 -11.34
N ALA A 147 14.85 8.46 -10.36
CA ALA A 147 13.42 8.52 -10.60
C ALA A 147 13.06 9.92 -11.09
N PRO A 148 11.93 10.10 -11.80
CA PRO A 148 11.49 11.41 -12.23
C PRO A 148 11.40 12.36 -11.03
N GLU A 149 12.00 13.54 -11.15
CA GLU A 149 12.11 14.44 -10.00
C GLU A 149 10.74 14.92 -9.53
N GLU A 150 9.77 15.12 -10.46
CA GLU A 150 8.44 15.59 -10.09
C GLU A 150 7.74 14.61 -9.14
N ILE A 151 8.04 13.30 -9.32
CA ILE A 151 7.45 12.28 -8.46
C ILE A 151 8.22 12.22 -7.13
N ALA A 152 9.56 12.19 -7.21
CA ALA A 152 10.41 12.10 -6.02
C ALA A 152 10.12 13.21 -4.98
N ILE A 153 9.99 14.46 -5.43
CA ILE A 153 9.76 15.56 -4.49
C ILE A 153 8.39 15.43 -3.81
N LYS A 154 7.39 14.88 -4.54
CA LYS A 154 6.08 14.69 -3.93
C LYS A 154 6.08 13.52 -2.94
N VAL A 155 6.89 12.50 -3.23
CA VAL A 155 6.96 11.37 -2.30
C VAL A 155 7.63 11.88 -1.01
N GLY A 156 8.63 12.76 -1.16
CA GLY A 156 9.25 13.31 0.05
C GLY A 156 8.27 14.13 0.88
N LYS A 157 7.40 14.89 0.20
CA LYS A 157 6.40 15.66 0.92
C LYS A 157 5.41 14.76 1.65
N LEU A 158 5.02 13.65 1.01
CA LEU A 158 4.14 12.68 1.66
C LEU A 158 4.84 12.02 2.84
N LEU A 159 6.15 11.74 2.73
CA LEU A 159 6.87 11.16 3.86
C LEU A 159 6.99 12.18 5.02
N ASP A 160 7.13 13.47 4.74
CA ASP A 160 7.09 14.47 5.79
C ASP A 160 5.77 14.41 6.54
N LEU A 161 4.68 14.29 5.81
CA LEU A 161 3.35 14.21 6.44
C LEU A 161 3.21 12.92 7.24
N LYS A 162 3.69 11.81 6.69
CA LYS A 162 3.65 10.56 7.44
C LYS A 162 4.44 10.65 8.73
N LEU A 163 5.64 11.26 8.69
CA LEU A 163 6.46 11.43 9.90
C LEU A 163 5.73 12.27 10.96
N GLY A 164 5.09 13.34 10.52
CA GLY A 164 4.46 14.26 11.45
C GLY A 164 3.26 13.67 12.18
N GLN A 165 2.46 12.81 11.50
CA GLN A 165 1.28 12.26 12.16
C GLN A 165 0.31 13.34 12.62
N ASN A 166 0.26 14.43 11.84
CA ASN A 166 -0.57 15.58 12.16
C ASN A 166 -1.86 15.59 11.33
N GLN A 167 -1.81 15.01 10.13
CA GLN A 167 -3.01 14.93 9.29
C GLN A 167 -3.02 13.58 8.59
N ARG A 168 -4.15 13.26 7.93
CA ARG A 168 -4.28 11.99 7.23
C ARG A 168 -3.53 12.05 5.92
N ILE A 169 -2.94 10.94 5.48
CA ILE A 169 -2.42 10.96 4.11
C ILE A 169 -3.27 10.08 3.17
N HIS A 170 -3.96 9.09 3.73
CA HIS A 170 -4.84 8.25 2.93
C HIS A 170 -6.32 8.52 3.18
N GLU A 171 -7.11 8.24 2.12
CA GLU A 171 -8.55 8.20 2.25
C GLU A 171 -8.94 7.01 3.14
N ARG A 172 -10.09 7.18 3.74
CA ARG A 172 -10.74 6.12 4.49
C ARG A 172 -11.87 5.59 3.63
N ILE A 173 -12.07 4.28 3.68
CA ILE A 173 -13.10 3.63 2.89
C ILE A 173 -14.39 3.59 3.72
N ILE A 174 -15.45 4.30 3.28
CA ILE A 174 -16.72 4.26 4.00
C ILE A 174 -17.44 2.99 3.60
N ILE A 175 -17.95 2.25 4.59
CA ILE A 175 -18.59 0.97 4.35
C ILE A 175 -20.02 1.22 3.89
N ASP A 176 -20.34 0.78 2.69
CA ASP A 176 -21.69 0.93 2.15
C ASP A 176 -21.87 -0.17 1.10
N LYS A 177 -23.04 -0.20 0.43
CA LYS A 177 -23.33 -1.22 -0.56
C LYS A 177 -22.24 -1.31 -1.62
N ASP A 178 -21.71 -0.17 -2.09
CA ASP A 178 -20.70 -0.21 -3.14
C ASP A 178 -19.36 -0.74 -2.60
N SER A 179 -18.90 -0.20 -1.48
CA SER A 179 -17.58 -0.61 -1.04
C SER A 179 -17.56 -2.06 -0.53
N ILE A 180 -18.66 -2.52 0.08
CA ILE A 180 -18.70 -3.93 0.51
C ILE A 180 -18.63 -4.86 -0.70
N ARG A 181 -19.13 -4.42 -1.86
CA ARG A 181 -19.04 -5.28 -3.02
C ARG A 181 -17.59 -5.40 -3.48
N LYS A 182 -16.83 -4.30 -3.37
CA LYS A 182 -15.48 -4.26 -3.91
C LYS A 182 -14.50 -4.93 -2.93
N LEU A 183 -14.65 -4.63 -1.63
CA LEU A 183 -13.82 -5.24 -0.60
C LEU A 183 -14.03 -6.74 -0.54
N LYS A 184 -12.97 -7.48 -0.22
CA LYS A 184 -13.08 -8.93 -0.17
C LYS A 184 -13.48 -9.35 1.23
N ILE A 185 -14.41 -8.61 1.84
CA ILE A 185 -15.09 -9.01 3.07
C ILE A 185 -16.58 -9.10 2.75
N ASP A 186 -17.32 -9.85 3.57
CA ASP A 186 -18.67 -10.30 3.22
C ASP A 186 -19.71 -9.30 3.67
N SER A 187 -19.46 -8.72 4.85
CA SER A 187 -20.41 -7.83 5.47
C SER A 187 -19.63 -6.87 6.37
N ASP A 188 -20.41 -5.96 6.98
CA ASP A 188 -19.97 -4.95 7.91
C ASP A 188 -19.85 -5.49 9.34
N LYS A 189 -20.10 -6.79 9.54
CA LYS A 189 -20.13 -7.29 10.90
C LYS A 189 -18.72 -7.60 11.37
N ALA A 190 -18.39 -7.14 12.58
CA ALA A 190 -17.09 -7.41 13.18
C ALA A 190 -17.23 -7.55 14.69
N PHE A 191 -16.09 -7.71 15.35
CA PHE A 191 -16.02 -7.90 16.79
C PHE A 191 -14.93 -7.00 17.36
N ILE A 192 -15.17 -6.52 18.57
CA ILE A 192 -14.23 -5.78 19.38
C ILE A 192 -14.04 -6.55 20.70
N LYS A 193 -12.77 -6.78 21.07
CA LYS A 193 -12.40 -7.45 22.32
C LYS A 193 -11.54 -6.52 23.16
N PHE A 194 -11.93 -6.33 24.44
CA PHE A 194 -11.13 -5.59 25.41
C PHE A 194 -11.71 -5.84 26.80
N ASN A 195 -10.82 -5.86 27.80
CA ASN A 195 -11.20 -6.20 29.16
C ASN A 195 -11.91 -7.56 29.16
N GLY A 196 -11.24 -8.57 28.59
CA GLY A 196 -11.71 -9.95 28.59
C GLY A 196 -13.17 -10.15 28.19
N ALA A 197 -13.66 -9.35 27.24
CA ALA A 197 -15.01 -9.49 26.70
C ALA A 197 -15.00 -9.08 25.22
N LYS A 198 -15.79 -9.81 24.42
CA LYS A 198 -15.89 -9.61 22.99
C LYS A 198 -17.29 -9.15 22.60
N HIS A 199 -17.39 -7.93 22.05
CA HIS A 199 -18.65 -7.32 21.66
C HIS A 199 -18.80 -7.32 20.13
N LYS A 200 -20.05 -7.42 19.68
CA LYS A 200 -20.41 -7.20 18.29
C LYS A 200 -20.22 -5.72 17.96
N CYS A 201 -19.89 -5.43 16.70
CA CYS A 201 -19.90 -4.05 16.24
C CYS A 201 -20.18 -4.02 14.75
N LEU A 202 -20.47 -2.82 14.21
CA LEU A 202 -20.57 -2.66 12.77
C LEU A 202 -19.38 -1.82 12.27
N ILE A 203 -18.72 -2.28 11.19
CA ILE A 203 -17.66 -1.46 10.59
C ILE A 203 -18.30 -0.28 9.84
N LYS A 204 -17.87 0.95 10.16
CA LYS A 204 -18.32 2.16 9.46
C LYS A 204 -17.28 2.63 8.44
N ASP A 205 -15.99 2.52 8.77
CA ASP A 205 -14.94 2.84 7.80
C ASP A 205 -13.67 2.06 8.11
N LEU A 206 -12.85 1.89 7.06
CA LEU A 206 -11.57 1.18 7.16
C LEU A 206 -10.49 1.99 6.47
N SER A 207 -9.24 1.84 6.95
CA SER A 207 -8.10 2.39 6.23
C SER A 207 -6.90 1.51 6.51
N TYR A 208 -5.77 1.82 5.88
CA TYR A 208 -4.54 1.07 6.11
C TYR A 208 -4.22 0.99 7.61
N GLY A 209 -4.52 2.07 8.34
CA GLY A 209 -4.03 2.20 9.71
C GLY A 209 -5.08 2.04 10.81
N GLY A 210 -6.36 1.85 10.46
CA GLY A 210 -7.36 1.73 11.52
C GLY A 210 -8.79 1.57 11.00
N ALA A 211 -9.77 1.88 11.85
CA ALA A 211 -11.17 1.60 11.57
C ALA A 211 -12.04 2.46 12.45
N LEU A 212 -13.26 2.72 12.00
CA LEU A 212 -14.28 3.29 12.87
C LEU A 212 -15.37 2.24 12.96
N VAL A 213 -15.79 1.91 14.19
CA VAL A 213 -16.84 0.92 14.38
C VAL A 213 -17.92 1.53 15.27
N ILE A 214 -19.14 1.02 15.13
CA ILE A 214 -20.27 1.42 15.95
C ILE A 214 -20.70 0.21 16.78
N SER A 215 -21.06 0.44 18.05
CA SER A 215 -21.67 -0.60 18.86
C SER A 215 -22.25 -0.04 20.16
N SER A 216 -22.52 -0.97 21.09
CA SER A 216 -22.85 -0.71 22.49
C SER A 216 -21.81 -1.41 23.38
N ALA A 226 -7.75 6.04 26.71
CA ALA A 226 -7.26 5.04 25.71
C ALA A 226 -7.29 3.64 26.33
N ILE A 227 -7.64 2.64 25.49
CA ILE A 227 -7.71 1.24 25.87
C ILE A 227 -7.10 0.42 24.73
N ASP A 228 -6.56 -0.75 25.10
CA ASP A 228 -6.05 -1.73 24.16
C ASP A 228 -7.19 -2.64 23.75
N LEU A 229 -7.23 -3.00 22.45
CA LEU A 229 -8.31 -3.84 21.97
C LEU A 229 -7.84 -4.70 20.81
N ILE A 230 -8.69 -5.67 20.45
CA ILE A 230 -8.44 -6.53 19.31
C ILE A 230 -9.68 -6.41 18.43
N PHE A 231 -9.45 -5.96 17.19
CA PHE A 231 -10.51 -5.84 16.21
C PHE A 231 -10.44 -7.05 15.30
N SER A 232 -11.59 -7.67 15.05
CA SER A 232 -11.58 -8.85 14.22
C SER A 232 -12.85 -8.96 13.40
N PHE A 233 -12.71 -9.67 12.28
CA PHE A 233 -13.86 -10.01 11.46
C PHE A 233 -13.59 -11.30 10.71
N GLU A 234 -14.68 -11.95 10.28
CA GLU A 234 -14.56 -13.22 9.58
C GLU A 234 -13.88 -12.97 8.25
N PHE A 235 -12.95 -13.84 7.91
CA PHE A 235 -12.18 -13.71 6.68
C PHE A 235 -11.61 -15.09 6.35
N ILE A 236 -11.61 -15.40 5.04
CA ILE A 236 -11.19 -16.66 4.46
C ILE A 236 -11.13 -17.77 5.53
N GLU A 239 -11.32 -15.75 10.84
CA GLU A 239 -11.32 -14.45 11.58
C GLU A 239 -9.90 -13.87 11.56
N ILE A 240 -9.76 -12.66 10.97
CA ILE A 240 -8.56 -11.82 11.04
C ILE A 240 -8.61 -11.02 12.33
N PHE A 241 -7.50 -11.01 13.07
CA PHE A 241 -7.38 -10.33 14.35
C PHE A 241 -6.32 -9.24 14.19
N ILE A 242 -6.69 -8.03 14.62
CA ILE A 242 -5.77 -6.90 14.56
C ILE A 242 -5.79 -6.20 15.91
N GLU A 243 -4.59 -6.09 16.51
CA GLU A 243 -4.44 -5.39 17.77
C GLU A 243 -4.33 -3.90 17.50
N GLY A 244 -4.94 -3.11 18.39
CA GLY A 244 -4.97 -1.66 18.23
C GLY A 244 -5.34 -0.97 19.53
N LYS A 245 -5.49 0.36 19.44
CA LYS A 245 -5.81 1.23 20.57
C LYS A 245 -6.93 2.17 20.15
N SER A 246 -7.76 2.55 21.13
CA SER A 246 -8.85 3.48 20.88
C SER A 246 -8.29 4.89 20.69
N LYS A 247 -8.94 5.66 19.82
CA LYS A 247 -8.50 7.03 19.55
C LYS A 247 -9.66 8.03 19.69
N SER A 248 -10.87 7.59 19.37
CA SER A 248 -11.97 8.51 19.55
C SER A 248 -13.16 7.70 20.03
N LEU A 249 -13.97 8.33 20.88
CA LEU A 249 -15.26 7.81 21.27
C LEU A 249 -16.25 8.97 21.31
N SER A 250 -17.47 8.71 20.81
CA SER A 250 -18.51 9.71 20.76
C SER A 250 -19.87 9.02 20.65
N VAL A 251 -20.91 9.65 21.22
CA VAL A 251 -22.22 9.03 21.36
C VAL A 251 -23.21 9.74 20.43
N VAL A 259 -25.87 4.82 20.57
CA VAL A 259 -24.72 3.90 20.26
C VAL A 259 -23.41 4.68 20.34
N PHE A 260 -22.29 3.94 20.42
CA PHE A 260 -20.97 4.52 20.60
C PHE A 260 -20.14 4.28 19.34
N ALA A 261 -19.55 5.35 18.80
CA ALA A 261 -18.68 5.29 17.64
C ALA A 261 -17.23 5.33 18.14
N LEU A 262 -16.47 4.28 17.81
CA LEU A 262 -15.14 4.08 18.35
C LEU A 262 -14.11 4.11 17.21
N GLY A 263 -13.21 5.10 17.24
CA GLY A 263 -12.08 5.18 16.32
C GLY A 263 -10.90 4.38 16.84
N ILE A 264 -10.24 3.59 15.97
CA ILE A 264 -9.19 2.66 16.37
C ILE A 264 -7.97 2.89 15.49
N ALA A 265 -6.79 2.95 16.13
CA ALA A 265 -5.50 2.96 15.48
C ALA A 265 -4.89 1.59 15.69
N PHE A 266 -4.68 0.85 14.59
CA PHE A 266 -4.02 -0.44 14.67
C PHE A 266 -2.56 -0.26 15.07
N ASP A 267 -2.05 -1.17 15.92
CA ASP A 267 -0.63 -1.08 16.31
C ASP A 267 0.25 -1.18 15.07
N GLU A 268 1.03 -0.12 14.82
CA GLU A 268 1.60 0.14 13.50
C GLU A 268 2.58 -0.94 13.05
N ASP A 269 3.22 -1.63 14.00
CA ASP A 269 4.24 -2.60 13.62
C ASP A 269 3.70 -4.02 13.59
N LYS A 270 2.39 -4.20 13.74
CA LYS A 270 1.79 -5.50 13.97
C LYS A 270 0.64 -5.76 12.99
N ILE A 271 0.47 -4.90 11.99
CA ILE A 271 -0.73 -5.05 11.18
C ILE A 271 -0.57 -6.27 10.28
N PRO A 272 -1.50 -7.23 10.30
CA PRO A 272 -1.37 -8.43 9.45
C PRO A 272 -1.28 -8.05 7.97
N LEU A 273 -0.34 -8.68 7.25
CA LEU A 273 -0.17 -8.48 5.82
C LEU A 273 -1.49 -8.74 5.08
N GLU A 274 -2.28 -9.72 5.54
CA GLU A 274 -3.56 -10.02 4.89
C GLU A 274 -4.53 -8.82 4.95
N TYR A 275 -4.50 -8.09 6.07
CA TYR A 275 -5.35 -6.90 6.17
C TYR A 275 -4.84 -5.82 5.20
N THR A 276 -3.52 -5.55 5.27
CA THR A 276 -2.95 -4.53 4.42
C THR A 276 -3.28 -4.80 2.95
N MET A 277 -3.16 -6.08 2.55
CA MET A 277 -3.44 -6.42 1.15
C MET A 277 -4.94 -6.35 0.82
N LEU A 278 -5.84 -6.58 1.81
CA LEU A 278 -7.27 -6.37 1.59
C LEU A 278 -7.55 -4.90 1.23
N ILE A 279 -6.91 -3.98 1.97
CA ILE A 279 -7.10 -2.55 1.68
C ILE A 279 -6.46 -2.19 0.34
N HIS A 280 -5.24 -2.67 0.10
CA HIS A 280 -4.61 -2.42 -1.19
C HIS A 280 -5.49 -2.91 -2.34
N ASP A 281 -6.06 -4.13 -2.21
CA ASP A 281 -6.91 -4.71 -3.25
C ASP A 281 -8.09 -3.80 -3.56
N TYR A 282 -8.67 -3.17 -2.51
CA TYR A 282 -9.82 -2.32 -2.72
C TYR A 282 -9.50 -1.19 -3.70
N PHE A 283 -8.29 -0.62 -3.60
CA PHE A 283 -7.86 0.48 -4.45
C PHE A 283 -7.44 0.03 -5.85
N ASN A 284 -7.27 -1.28 -6.03
CA ASN A 284 -6.80 -1.93 -7.26
C ASN A 284 -7.81 -2.96 -7.81
P1 C2E B . -14.81 12.90 10.85
O2P C2E B . -13.95 12.13 9.90
O1P C2E B . -16.25 12.47 10.96
O5' C2E B . -14.15 12.92 12.30
C5' C2E B . -15.04 13.00 13.44
C4' C2E B . -14.23 13.20 14.69
O4' C2E B . -13.61 11.95 15.07
C3' C2E B . -13.07 14.17 14.55
O3' C2E B . -13.58 15.47 14.80
C2' C2E B . -12.15 13.71 15.69
O2' C2E B . -12.53 14.11 16.99
C1' C2E B . -12.31 12.20 15.56
N9 C2E B . -11.32 11.56 14.71
C8 C2E B . -11.49 11.11 13.41
N7 C2E B . -10.40 10.58 12.91
C5 C2E B . -9.44 10.69 13.91
C6 C2E B . -8.09 10.28 13.96
O6 C2E B . -7.39 9.73 13.11
N1 C2E B . -7.51 10.57 15.21
C2 C2E B . -8.16 11.16 16.26
N2 C2E B . -7.42 11.34 17.36
N3 C2E B . -9.42 11.56 16.22
C4 C2E B . -10.01 11.29 15.03
P11 C2E B . -12.71 16.75 14.40
O21 C2E B . -11.26 16.74 14.78
O11 C2E B . -13.51 17.94 14.83
O5A C2E B . -12.72 16.81 12.79
C5A C2E B . -13.99 17.07 12.15
C4A C2E B . -13.88 16.72 10.69
O4A C2E B . -12.72 17.38 10.12
C3A C2E B . -13.62 15.23 10.44
O3A C2E B . -14.84 14.49 10.54
C2A C2E B . -13.07 15.28 9.02
O2A C2E B . -14.08 15.47 8.05
C1A C2E B . -12.18 16.53 9.10
N91 C2E B . -10.76 16.28 9.36
C81 C2E B . -10.06 16.54 10.52
N71 C2E B . -8.78 16.27 10.42
C51 C2E B . -8.62 15.81 9.12
C61 C2E B . -7.46 15.43 8.41
O61 C2E B . -6.28 15.38 8.82
N11 C2E B . -7.73 15.11 7.08
C21 C2E B . -9.00 15.12 6.53
N21 C2E B . -9.11 14.78 5.23
N31 C2E B . -10.09 15.47 7.20
C41 C2E B . -9.82 15.83 8.46
P1 C2E C . -3.81 9.29 15.48
O2P C2E C . -4.99 9.86 16.14
O1P C2E C . -2.70 8.64 16.27
O5' C2E C . -4.41 8.06 14.63
C5' C2E C . -3.48 7.18 13.97
C4' C2E C . -4.20 6.43 12.87
O4' C2E C . -5.31 5.70 13.43
C3' C2E C . -4.84 7.30 11.79
O3' C2E C . -3.83 7.63 10.84
C2' C2E C . -5.77 6.23 11.15
O2' C2E C . -5.00 5.32 10.39
C1' C2E C . -6.25 5.47 12.39
N9 C2E C . -7.57 5.92 12.84
C8 C2E C . -7.91 6.65 13.95
N7 C2E C . -9.19 6.88 14.04
C5 C2E C . -9.71 6.28 12.88
C6 C2E C . -11.04 6.22 12.41
O6 C2E C . -12.04 6.76 12.91
N1 C2E C . -11.11 5.52 11.19
C2 C2E C . -10.04 4.94 10.54
N2 C2E C . -10.28 4.31 9.37
N3 C2E C . -8.79 5.01 10.98
C4 C2E C . -8.71 5.69 12.16
P11 C2E C . -4.11 8.87 9.84
O21 C2E C . -2.98 8.80 8.88
O11 C2E C . -5.50 8.69 9.30
O5A C2E C . -4.12 10.13 10.84
C5A C2E C . -2.81 10.57 11.29
C4A C2E C . -3.00 11.54 12.42
O4A C2E C . -3.68 12.73 11.95
C3A C2E C . -3.88 11.01 13.56
O3A C2E C . -3.06 10.19 14.37
C2A C2E C . -4.34 12.33 14.18
O2A C2E C . -3.33 12.92 14.99
C1A C2E C . -4.59 13.16 12.92
N91 C2E C . -5.95 13.12 12.43
C81 C2E C . -6.42 12.46 11.31
N71 C2E C . -7.72 12.62 11.16
C51 C2E C . -8.12 13.43 12.22
C61 C2E C . -9.39 13.96 12.56
O61 C2E C . -10.49 13.84 12.00
N11 C2E C . -9.32 14.74 13.72
C21 C2E C . -8.20 14.95 14.47
N21 C2E C . -8.36 15.73 15.56
N31 C2E C . -6.99 14.51 14.13
C41 C2E C . -7.02 13.74 13.00
CL CL D . 1.77 4.41 4.20
C1 PEG E . -6.65 6.71 7.95
O1 PEG E . -6.59 7.87 7.04
C2 PEG E . -5.60 5.60 7.72
O2 PEG E . -4.66 5.92 6.69
C3 PEG E . -3.69 4.90 6.47
C4 PEG E . -2.30 5.43 6.55
O4 PEG E . -1.42 4.54 7.28
C1 EDO F . 9.16 -7.30 0.28
O1 EDO F . 9.99 -6.93 -0.84
C2 EDO F . 9.82 -7.79 1.50
O2 EDO F . 11.19 -8.05 1.28
C1 EDO G . 17.02 -11.14 -3.12
O1 EDO G . 17.47 -9.89 -2.64
C2 EDO G . 15.62 -11.39 -2.71
O2 EDO G . 15.05 -12.34 -3.57
#